data_8HZL
#
_entry.id   8HZL
#
_cell.length_a   64.620
_cell.length_b   53.931
_cell.length_c   81.826
_cell.angle_alpha   90.00
_cell.angle_beta   105.87
_cell.angle_gamma   90.00
#
_symmetry.space_group_name_H-M   'P 1 21 1'
#
loop_
_entity.id
_entity.type
_entity.pdbx_description
1 polymer 'RNA (84-MER)'
2 non-polymer 'MAGNESIUM ION'
3 non-polymer (5~{Z})-5-[[4-[2-hydroxyethyl(methyl)amino]phenyl]methylidene]-3-methyl-2-[(~{E})-2-phenylethenyl]imidazol-4-one
4 water water
#
_entity_poly.entity_id   1
_entity_poly.type   'polyribonucleotide'
_entity_poly.pdbx_seq_one_letter_code
;GGAAGAUUGUAAACAGCGAGAUUGUAAACAGCGAGAUUGUAAACAUGCCGAAAGGCAGACACUCGCGACACUCGCGACAC
UUUC
;
_entity_poly.pdbx_strand_id   A,B
#
loop_
_chem_comp.id
_chem_comp.type
_chem_comp.name
_chem_comp.formula
A RNA linking ADENOSINE-5'-MONOPHOSPHATE 'C10 H14 N5 O7 P'
C RNA linking CYTIDINE-5'-MONOPHOSPHATE 'C9 H14 N3 O8 P'
G RNA linking GUANOSINE-5'-MONOPHOSPHATE 'C10 H14 N5 O8 P'
MG non-polymer 'MAGNESIUM ION' 'Mg 2'
NI4 non-polymer (5~{Z})-5-[[4-[2-hydroxyethyl(methyl)amino]phenyl]methylidene]-3-methyl-2-[(~{E})-2-phenylethenyl]imidazol-4-one 'C22 H23 N3 O2'
U RNA linking URIDINE-5'-MONOPHOSPHATE 'C9 H13 N2 O9 P'
#
# COMPACT_ATOMS: atom_id res chain seq x y z
MG MG C . -33.51 12.41 -11.23
MG MG D . 3.29 16.34 26.88
MG MG E . -20.27 20.47 -3.45
MG MG F . -22.85 17.96 1.31
MG MG G . 5.66 17.72 0.96
MG MG H . 6.00 6.55 8.08
MG MG I . 4.49 11.28 17.92
MG MG J . 24.64 8.16 28.87
MG MG K . 16.40 15.41 36.96
MG MG L . -9.84 5.53 6.83
C17 NI4 M . -25.46 8.58 -6.61
C20 NI4 M . -25.20 8.26 -9.38
C21 NI4 M . -25.30 7.14 -8.55
C22 NI4 M . -25.43 7.30 -7.17
C24 NI4 M . -25.15 6.86 -11.43
C01 NI4 M . -24.25 16.28 -3.51
C02 NI4 M . -24.35 15.59 -4.70
C03 NI4 M . -24.08 16.27 -5.89
C04 NI4 M . -23.72 17.61 -5.89
C05 NI4 M . -23.63 18.28 -4.67
C06 NI4 M . -23.90 17.61 -3.49
C07 NI4 M . -24.74 14.17 -4.73
C08 NI4 M . -24.81 13.38 -3.69
C09 NI4 M . -25.16 11.96 -3.74
N10 NI4 M . -25.10 11.17 -4.81
C11 NI4 M . -25.49 9.91 -4.43
C12 NI4 M . -25.83 9.94 -2.99
N13 NI4 M . -25.59 11.27 -2.63
C14 NI4 M . -25.76 11.82 -1.31
O15 NI4 M . -26.22 9.05 -2.23
C16 NI4 M . -25.60 8.78 -5.16
C18 NI4 M . -25.36 9.69 -7.45
C19 NI4 M . -25.23 9.53 -8.81
N23 NI4 M . -25.08 8.15 -10.76
C25 NI4 M . -24.70 6.95 -12.90
O26 NI4 M . -23.30 6.89 -13.01
C27 NI4 M . -24.93 9.34 -11.58
C17 NI4 N . -5.04 5.61 14.17
C20 NI4 N . -5.45 2.89 13.71
C21 NI4 N . -6.19 3.56 14.68
C22 NI4 N . -5.98 4.92 14.92
C24 NI4 N . -5.61 0.54 14.54
C01 NI4 N . 0.75 9.09 9.50
C02 NI4 N . 0.04 7.92 9.73
C03 NI4 N . 0.33 6.80 8.98
C04 NI4 N . 1.33 6.83 8.03
C05 NI4 N . 2.04 7.99 7.80
C06 NI4 N . 1.74 9.12 8.54
C07 NI4 N . -1.00 7.88 10.76
C08 NI4 N . -1.39 8.90 11.52
C09 NI4 N . -2.42 8.75 12.51
N10 NI4 N . -3.06 7.61 12.76
C11 NI4 N . -3.96 7.88 13.79
C12 NI4 N . -3.83 9.30 14.15
N13 NI4 N . -2.84 9.76 13.31
C14 NI4 N . -2.38 11.12 13.34
O15 NI4 N . -4.41 9.97 14.98
C16 NI4 N . -4.83 7.05 14.39
C18 NI4 N . -4.32 4.94 13.19
C19 NI4 N . -4.52 3.60 12.98
N23 NI4 N . -5.63 1.52 13.46
C25 NI4 N . -4.62 0.85 15.69
O26 NI4 N . -3.42 0.14 15.57
C27 NI4 N . -5.82 1.03 12.10
C17 NI4 O . 8.62 23.45 30.90
C20 NI4 O . 6.28 23.26 32.38
C21 NI4 O . 7.28 22.30 32.53
C22 NI4 O . 8.45 22.40 31.79
C24 NI4 O . 4.12 24.24 33.13
C01 NI4 O . 14.54 17.52 31.47
C02 NI4 O . 13.30 17.83 32.01
C03 NI4 O . 12.75 16.99 32.97
C04 NI4 O . 13.44 15.87 33.40
C05 NI4 O . 14.67 15.56 32.87
C06 NI4 O . 15.22 16.39 31.90
C07 NI4 O . 12.58 19.03 31.54
C08 NI4 O . 13.08 19.95 30.73
C09 NI4 O . 12.39 21.13 30.24
N10 NI4 O . 11.25 21.59 30.74
C11 NI4 O . 10.91 22.71 30.02
C12 NI4 O . 11.94 22.94 29.01
N13 NI4 O . 12.85 21.91 29.20
C14 NI4 O . 14.04 21.72 28.42
O15 NI4 O . 12.01 23.83 28.17
C16 NI4 O . 9.85 23.54 30.11
C18 NI4 O . 7.65 24.41 30.74
C19 NI4 O . 6.48 24.31 31.49
N23 NI4 O . 5.10 23.16 33.11
C25 NI4 O . 4.12 25.02 34.44
O26 NI4 O . 3.10 26.00 34.39
C27 NI4 O . 4.78 21.97 33.86
MG MG P . -14.15 -37.67 -8.20
MG MG Q . -1.92 -28.08 -22.45
MG MG R . 29.85 19.98 -5.43
MG MG S . 23.66 16.85 -9.50
MG MG T . 21.50 18.55 -16.06
MG MG U . 25.34 16.18 -0.28
MG MG V . 20.28 6.65 -20.47
MG MG W . 29.40 -3.62 -16.80
MG MG X . 9.91 -10.96 -2.83
MG MG Y . -5.71 -15.98 -4.61
MG MG Z . -3.75 -12.57 -9.63
MG MG AA . -7.64 -5.67 -8.15
MG MG BA . -16.09 -40.53 -23.10
C17 NI4 CA . 20.91 7.78 1.09
C20 NI4 CA . 19.75 9.69 2.71
C21 NI4 CA . 20.56 8.71 3.26
C22 NI4 CA . 21.15 7.76 2.45
C24 NI4 CA . 19.52 10.78 4.92
C01 NI4 CA . 18.63 7.35 -7.54
C02 NI4 CA . 18.94 7.95 -6.34
C03 NI4 CA . 18.37 9.17 -6.01
C04 NI4 CA . 17.48 9.78 -6.86
C05 NI4 CA . 17.17 9.18 -8.07
C06 NI4 CA . 17.74 7.97 -8.41
C07 NI4 CA . 19.88 7.33 -5.40
C08 NI4 CA . 19.62 7.16 -4.13
C09 NI4 CA . 20.46 6.60 -3.09
N10 NI4 CA . 20.43 7.19 -1.91
C11 NI4 CA . 21.28 6.51 -1.09
C12 NI4 CA . 21.88 5.41 -1.84
N13 NI4 CA . 21.32 5.52 -3.10
C14 NI4 CA . 21.66 4.60 -4.18
O15 NI4 CA . 22.68 4.56 -1.49
C16 NI4 CA . 21.53 6.78 0.22
C18 NI4 CA . 20.09 8.77 0.54
C19 NI4 CA . 19.52 9.72 1.34
N23 NI4 CA . 19.16 10.66 3.52
C25 NI4 CA . 19.84 12.22 5.30
O26 NI4 CA . 20.97 12.26 6.13
C27 NI4 CA . 18.18 11.59 2.98
C17 NI4 DA . 7.12 -18.75 -8.42
C20 NI4 DA . 8.30 -19.91 -6.15
C21 NI4 DA . 8.93 -19.90 -7.40
C22 NI4 DA . 8.36 -19.34 -8.51
C24 NI4 DA . 10.12 -21.19 -4.88
C01 NI4 DA . 0.88 -15.64 -5.62
C02 NI4 DA . 0.97 -15.43 -6.99
C03 NI4 DA . -0.09 -14.86 -7.67
C04 NI4 DA . -1.22 -14.45 -6.99
C05 NI4 DA . -1.31 -14.63 -5.62
C06 NI4 DA . -0.26 -15.24 -4.94
C07 NI4 DA . 2.14 -15.90 -7.72
C08 NI4 DA . 2.27 -15.99 -9.02
C09 NI4 DA . 3.48 -16.50 -9.60
N10 NI4 DA . 4.41 -17.16 -8.91
C11 NI4 DA . 5.38 -17.50 -9.82
C12 NI4 DA . 4.99 -17.04 -11.16
N13 NI4 DA . 3.77 -16.44 -10.95
C14 NI4 DA . 2.98 -15.82 -11.99
O15 NI4 DA . 5.52 -17.14 -12.27
C16 NI4 DA . 6.54 -18.17 -9.61
C18 NI4 DA . 6.47 -18.73 -7.20
C19 NI4 DA . 7.06 -19.30 -6.08
N23 NI4 DA . 8.86 -20.46 -4.99
C25 NI4 DA . 10.60 -22.14 -6.01
O26 NI4 DA . 10.02 -23.41 -5.91
C27 NI4 DA . 8.18 -20.28 -3.71
C17 NI4 EA . -9.49 -29.36 -29.17
C20 NI4 EA . -7.04 -30.43 -30.03
C21 NI4 EA . -7.54 -29.25 -30.58
C22 NI4 EA . -8.76 -28.71 -30.16
C24 NI4 EA . -5.48 -31.04 -31.86
C01 NI4 EA . -11.33 -34.68 -24.12
C02 NI4 EA . -12.25 -33.64 -24.11
C03 NI4 EA . -13.36 -33.75 -23.30
C04 NI4 EA . -13.54 -34.86 -22.48
C05 NI4 EA . -12.61 -35.88 -22.50
C06 NI4 EA . -11.49 -35.79 -23.32
C07 NI4 EA . -12.06 -32.48 -24.99
C08 NI4 EA . -12.90 -31.50 -25.24
C09 NI4 EA . -12.60 -30.41 -26.15
N10 NI4 EA . -11.58 -30.44 -27.01
C11 NI4 EA . -11.62 -29.26 -27.73
C12 NI4 EA . -12.80 -28.47 -27.28
N13 NI4 EA . -13.36 -29.28 -26.29
C14 NI4 EA . -14.56 -28.90 -25.56
O15 NI4 EA . -13.24 -27.37 -27.63
C16 NI4 EA . -10.78 -28.83 -28.70
C18 NI4 EA . -8.99 -30.54 -28.61
C19 NI4 EA . -7.78 -31.07 -29.04
N23 NI4 EA . -5.83 -30.98 -30.47
C25 NI4 EA . -4.83 -32.38 -32.22
O26 NI4 EA . -4.20 -32.27 -33.47
C27 NI4 EA . -4.85 -31.53 -29.54
#